data_1V5C
#
_entry.id   1V5C
#
_cell.length_a   85.063
_cell.length_b   91.145
_cell.length_c   131.524
_cell.angle_alpha   90.00
_cell.angle_beta   90.00
_cell.angle_gamma   90.00
#
_symmetry.space_group_name_H-M   'I 2 2 2'
#
loop_
_entity.id
_entity.type
_entity.pdbx_description
1 polymer chitosanase
2 non-polymer 'SULFATE ION'
3 water water
#
_entity_poly.entity_id   1
_entity_poly.type   'polypeptide(L)'
_entity_poly.pdbx_seq_one_letter_code
;AKEMKPFPQQVNYAGVIKPNHVTQESLNASVRSYYDNWKKKYLKNDLSSLPGGYYVKGEITGDADGFKPLGTSEGQGYGM
IITVLMAGYDSNAQKIYDGLFKTARTFKSSQNPNLMGWVVADSKKAQGHFDSATDGDLDIAYSLLLAHKQWGSNGTVNYL
KEAQDMITKGIKASNVTNNNQLNLGDWDSKSSLDTRPSDWMMSHLRAFYEFTGDKTWLTVINNLYDVYTQFSNKYSPNTG
LISDFVVKNPPQPAPKDFLDESEYTNAYYYNASRVPLRIVMDYAMYGEKRSKVISDKVSSWIQNKTNGNPSKIVDGYQLN
GSNIGSYPTAVFVSPFIAASITSSNNQKWVNSGWDWMKNKRERYFSDSYNLLTMLFITGNWWKPVP
;
_entity_poly.pdbx_strand_id   A
#
loop_
_chem_comp.id
_chem_comp.type
_chem_comp.name
_chem_comp.formula
SO4 non-polymer 'SULFATE ION' 'O4 S -2'
#
# COMPACT_ATOMS: atom_id res chain seq x y z
N ALA A 1 23.14 -8.46 -3.28
CA ALA A 1 24.37 -8.94 -2.58
C ALA A 1 24.41 -8.49 -1.12
N LYS A 2 24.77 -9.41 -0.24
CA LYS A 2 24.87 -9.14 1.19
C LYS A 2 23.50 -8.85 1.80
N GLU A 3 22.51 -9.66 1.44
CA GLU A 3 21.16 -9.52 1.96
C GLU A 3 21.07 -10.13 3.37
N MET A 4 20.52 -9.39 4.32
CA MET A 4 20.37 -9.87 5.68
C MET A 4 18.99 -10.47 5.88
N LYS A 5 18.10 -10.23 4.92
CA LYS A 5 16.74 -10.73 4.93
C LYS A 5 16.40 -11.19 3.51
N PRO A 6 17.22 -12.10 2.96
CA PRO A 6 17.00 -12.60 1.61
C PRO A 6 15.67 -13.31 1.42
N PHE A 7 15.12 -13.19 0.23
CA PHE A 7 13.87 -13.85 -0.11
C PHE A 7 14.23 -15.34 -0.23
N PRO A 8 13.37 -16.24 0.28
CA PRO A 8 12.10 -15.97 0.95
C PRO A 8 12.26 -16.06 2.46
N GLN A 9 11.77 -15.05 3.18
CA GLN A 9 11.87 -15.08 4.64
C GLN A 9 10.79 -15.98 5.20
N GLN A 10 9.76 -16.23 4.39
CA GLN A 10 8.63 -17.08 4.75
C GLN A 10 8.33 -17.13 6.25
N VAL A 11 8.05 -15.97 6.83
CA VAL A 11 7.76 -15.89 8.26
C VAL A 11 6.37 -16.41 8.58
N ASN A 12 6.16 -16.76 9.85
CA ASN A 12 4.87 -17.25 10.32
C ASN A 12 4.40 -16.34 11.45
N TYR A 13 3.59 -15.35 11.10
CA TYR A 13 3.09 -14.41 12.10
C TYR A 13 2.08 -15.09 13.00
N ALA A 14 2.14 -14.78 14.29
CA ALA A 14 1.23 -15.38 15.26
C ALA A 14 -0.22 -15.02 14.98
N GLY A 15 -1.11 -16.00 15.16
CA GLY A 15 -2.52 -15.78 14.94
C GLY A 15 -3.02 -15.68 13.50
N VAL A 16 -2.15 -15.93 12.53
CA VAL A 16 -2.59 -15.85 11.14
C VAL A 16 -2.32 -17.14 10.38
N ILE A 17 -3.19 -17.43 9.41
CA ILE A 17 -3.05 -18.62 8.60
C ILE A 17 -2.60 -18.25 7.18
N LYS A 18 -1.98 -19.21 6.51
CA LYS A 18 -1.52 -19.04 5.13
C LYS A 18 -2.27 -20.07 4.29
N PRO A 19 -2.23 -19.95 2.96
CA PRO A 19 -2.94 -20.96 2.17
C PRO A 19 -2.23 -22.26 2.53
N ASN A 20 -2.97 -23.33 2.79
CA ASN A 20 -2.31 -24.58 3.19
C ASN A 20 -2.53 -25.83 2.35
N HIS A 21 -3.07 -25.69 1.16
CA HIS A 21 -3.25 -26.85 0.30
C HIS A 21 -2.15 -26.92 -0.76
N VAL A 22 -1.08 -26.15 -0.52
CA VAL A 22 0.12 -26.14 -1.36
C VAL A 22 1.23 -25.96 -0.34
N THR A 23 2.45 -26.36 -0.70
CA THR A 23 3.58 -26.23 0.22
C THR A 23 4.11 -24.80 0.26
N GLN A 24 4.93 -24.50 1.25
CA GLN A 24 5.53 -23.18 1.38
C GLN A 24 6.42 -22.92 0.16
N GLU A 25 7.07 -23.98 -0.32
CA GLU A 25 7.93 -23.86 -1.50
C GLU A 25 7.08 -23.45 -2.69
N SER A 26 5.86 -23.98 -2.76
CA SER A 26 4.95 -23.64 -3.85
C SER A 26 4.50 -22.18 -3.71
N LEU A 27 4.29 -21.75 -2.47
CA LEU A 27 3.88 -20.36 -2.22
C LEU A 27 4.99 -19.43 -2.71
N ASN A 28 6.22 -19.72 -2.29
CA ASN A 28 7.37 -18.92 -2.66
C ASN A 28 7.60 -18.93 -4.16
N ALA A 29 7.37 -20.07 -4.79
CA ALA A 29 7.56 -20.20 -6.24
C ALA A 29 6.53 -19.35 -6.98
N SER A 30 5.30 -19.33 -6.49
CA SER A 30 4.25 -18.54 -7.12
C SER A 30 4.61 -17.06 -7.04
N VAL A 31 5.22 -16.65 -5.94
CA VAL A 31 5.61 -15.25 -5.76
C VAL A 31 6.78 -14.90 -6.66
N ARG A 32 7.79 -15.76 -6.70
CA ARG A 32 8.96 -15.52 -7.55
C ARG A 32 8.51 -15.33 -8.99
N SER A 33 7.65 -16.24 -9.45
CA SER A 33 7.13 -16.21 -10.80
C SER A 33 6.29 -14.96 -11.08
N TYR A 34 5.44 -14.57 -10.14
CA TYR A 34 4.61 -13.40 -10.32
C TYR A 34 5.51 -12.17 -10.44
N TYR A 35 6.56 -12.14 -9.62
CA TYR A 35 7.51 -11.02 -9.65
C TYR A 35 8.17 -10.89 -11.01
N ASP A 36 8.73 -11.99 -11.53
CA ASP A 36 9.40 -11.94 -12.82
C ASP A 36 8.48 -11.38 -13.90
N ASN A 37 7.21 -11.78 -13.86
CA ASN A 37 6.23 -11.29 -14.84
C ASN A 37 5.95 -9.80 -14.62
N TRP A 38 5.83 -9.42 -13.35
CA TRP A 38 5.56 -8.04 -12.98
C TRP A 38 6.73 -7.14 -13.40
N LYS A 39 7.94 -7.54 -13.02
CA LYS A 39 9.14 -6.77 -13.34
C LYS A 39 9.30 -6.55 -14.84
N LYS A 40 9.18 -7.63 -15.61
CA LYS A 40 9.31 -7.55 -17.06
C LYS A 40 8.33 -6.57 -17.69
N LYS A 41 7.10 -6.55 -17.20
CA LYS A 41 6.10 -5.66 -17.77
C LYS A 41 6.05 -4.23 -17.22
N TYR A 42 6.31 -4.08 -15.93
CA TYR A 42 6.21 -2.76 -15.30
C TYR A 42 7.45 -1.99 -14.89
N LEU A 43 8.56 -2.68 -14.60
CA LEU A 43 9.77 -1.96 -14.18
C LEU A 43 10.43 -1.32 -15.39
N LYS A 44 10.63 0.01 -15.32
CA LYS A 44 11.23 0.76 -16.42
C LYS A 44 12.42 1.61 -15.98
N ASN A 45 13.34 1.84 -16.91
CA ASN A 45 14.51 2.68 -16.66
C ASN A 45 14.92 3.31 -17.98
N ASP A 46 13.94 3.89 -18.66
CA ASP A 46 14.12 4.53 -19.96
C ASP A 46 13.77 6.02 -19.93
N LEU A 47 14.19 6.71 -18.89
CA LEU A 47 13.91 8.15 -18.79
C LEU A 47 15.08 8.91 -19.40
N SER A 48 14.85 9.52 -20.56
CA SER A 48 15.89 10.30 -21.22
C SER A 48 16.38 11.44 -20.32
N SER A 49 15.46 11.98 -19.51
CA SER A 49 15.78 13.08 -18.61
C SER A 49 16.43 12.65 -17.30
N LEU A 50 16.52 11.34 -17.09
CA LEU A 50 17.12 10.84 -15.85
C LEU A 50 17.79 9.47 -16.02
N PRO A 51 19.04 9.46 -16.51
CA PRO A 51 19.73 8.18 -16.68
C PRO A 51 19.96 7.52 -15.33
N GLY A 52 19.76 6.20 -15.28
CA GLY A 52 19.94 5.48 -14.03
C GLY A 52 18.68 5.55 -13.18
N GLY A 53 17.65 6.21 -13.69
CA GLY A 53 16.41 6.33 -12.95
C GLY A 53 15.37 5.29 -13.32
N TYR A 54 14.75 4.68 -12.31
CA TYR A 54 13.73 3.67 -12.55
C TYR A 54 12.37 4.18 -12.10
N TYR A 55 11.32 3.54 -12.59
CA TYR A 55 9.95 3.89 -12.23
C TYR A 55 9.05 2.71 -12.60
N VAL A 56 7.78 2.79 -12.20
CA VAL A 56 6.84 1.71 -12.51
C VAL A 56 5.83 2.25 -13.50
N LYS A 57 5.72 1.59 -14.65
CA LYS A 57 4.80 2.00 -15.71
C LYS A 57 3.34 1.91 -15.27
N GLY A 58 2.69 3.06 -15.16
CA GLY A 58 1.30 3.10 -14.76
C GLY A 58 0.38 3.13 -15.95
N GLU A 59 -0.92 3.34 -15.72
CA GLU A 59 -1.87 3.38 -16.82
C GLU A 59 -1.90 4.72 -17.50
N ILE A 60 -2.30 4.70 -18.78
CA ILE A 60 -2.39 5.92 -19.59
C ILE A 60 -3.36 6.89 -18.91
N THR A 61 -2.81 7.83 -18.14
CA THR A 61 -3.62 8.81 -17.45
C THR A 61 -3.88 10.02 -18.33
N GLY A 62 -4.51 11.04 -17.75
CA GLY A 62 -4.80 12.24 -18.51
C GLY A 62 -3.67 13.25 -18.49
N ASP A 63 -3.92 14.42 -19.06
CA ASP A 63 -2.93 15.49 -19.12
C ASP A 63 -2.51 15.94 -17.72
N ALA A 64 -1.22 15.83 -17.43
CA ALA A 64 -0.69 16.24 -16.15
C ALA A 64 0.05 17.56 -16.32
N ASP A 65 -0.72 18.64 -16.40
CA ASP A 65 -0.18 19.97 -16.58
C ASP A 65 0.68 20.02 -17.85
N GLY A 66 0.21 19.35 -18.89
CA GLY A 66 0.93 19.33 -20.16
C GLY A 66 1.85 18.13 -20.33
N PHE A 67 2.36 17.60 -19.23
CA PHE A 67 3.27 16.45 -19.26
C PHE A 67 2.54 15.14 -19.48
N LYS A 68 3.27 14.14 -19.98
CA LYS A 68 2.72 12.81 -20.20
C LYS A 68 3.16 11.94 -19.04
N PRO A 69 2.23 11.57 -18.15
CA PRO A 69 2.54 10.73 -17.00
C PRO A 69 2.96 9.31 -17.38
N LEU A 70 4.10 8.86 -16.88
CA LEU A 70 4.57 7.51 -17.16
C LEU A 70 4.32 6.63 -15.95
N GLY A 71 4.31 7.25 -14.78
CA GLY A 71 4.08 6.53 -13.54
C GLY A 71 3.72 7.53 -12.47
N THR A 72 3.47 7.03 -11.26
CA THR A 72 3.10 7.90 -10.14
C THR A 72 3.94 7.52 -8.92
N SER A 73 3.89 8.36 -7.89
CA SER A 73 4.65 8.07 -6.67
C SER A 73 4.05 6.85 -5.98
N GLU A 74 2.76 6.61 -6.20
CA GLU A 74 2.12 5.45 -5.58
C GLU A 74 2.71 4.18 -6.21
N GLY A 75 2.94 4.21 -7.52
CA GLY A 75 3.51 3.06 -8.19
C GLY A 75 4.97 2.92 -7.77
N GLN A 76 5.62 4.07 -7.58
CA GLN A 76 7.01 4.12 -7.16
C GLN A 76 7.14 3.40 -5.81
N GLY A 77 6.20 3.69 -4.92
CA GLY A 77 6.21 3.06 -3.61
C GLY A 77 6.01 1.55 -3.66
N TYR A 78 5.05 1.10 -4.45
CA TYR A 78 4.80 -0.34 -4.57
C TYR A 78 6.06 -1.02 -5.09
N GLY A 79 6.63 -0.46 -6.16
CA GLY A 79 7.83 -1.03 -6.74
C GLY A 79 9.02 -1.11 -5.80
N MET A 80 9.19 -0.08 -4.97
CA MET A 80 10.31 -0.05 -4.05
C MET A 80 10.17 -1.09 -2.93
N ILE A 81 8.96 -1.31 -2.45
CA ILE A 81 8.76 -2.31 -1.40
C ILE A 81 8.97 -3.71 -2.02
N ILE A 82 8.35 -3.92 -3.17
CA ILE A 82 8.48 -5.19 -3.87
C ILE A 82 9.96 -5.52 -4.11
N THR A 83 10.69 -4.54 -4.65
CA THR A 83 12.09 -4.72 -4.97
C THR A 83 12.97 -5.13 -3.79
N VAL A 84 12.80 -4.48 -2.64
CA VAL A 84 13.61 -4.81 -1.48
C VAL A 84 13.24 -6.19 -0.93
N LEU A 85 11.97 -6.56 -1.03
CA LEU A 85 11.53 -7.85 -0.53
C LEU A 85 12.05 -8.99 -1.40
N MET A 86 12.17 -8.74 -2.70
CA MET A 86 12.66 -9.76 -3.61
C MET A 86 14.19 -9.86 -3.63
N ALA A 87 14.86 -9.02 -2.85
CA ALA A 87 16.31 -9.05 -2.78
C ALA A 87 16.68 -10.45 -2.29
N GLY A 88 17.73 -11.02 -2.88
CA GLY A 88 18.12 -12.35 -2.49
C GLY A 88 17.77 -13.29 -3.64
N TYR A 89 16.69 -12.96 -4.34
CA TYR A 89 16.26 -13.74 -5.50
C TYR A 89 16.69 -12.98 -6.74
N ASP A 90 16.40 -11.68 -6.77
CA ASP A 90 16.79 -10.82 -7.89
C ASP A 90 18.16 -10.27 -7.51
N SER A 91 19.19 -10.73 -8.20
CA SER A 91 20.55 -10.28 -7.90
C SER A 91 20.76 -8.78 -8.14
N ASN A 92 19.91 -8.18 -8.96
CA ASN A 92 20.01 -6.74 -9.24
C ASN A 92 19.09 -5.88 -8.39
N ALA A 93 18.54 -6.47 -7.33
CA ALA A 93 17.61 -5.77 -6.43
C ALA A 93 18.10 -4.43 -5.89
N GLN A 94 19.29 -4.40 -5.30
CA GLN A 94 19.80 -3.15 -4.74
C GLN A 94 20.04 -2.07 -5.80
N LYS A 95 20.53 -2.48 -6.97
CA LYS A 95 20.78 -1.54 -8.06
C LYS A 95 19.46 -0.92 -8.51
N ILE A 96 18.45 -1.78 -8.66
CA ILE A 96 17.12 -1.33 -9.08
C ILE A 96 16.54 -0.40 -8.02
N TYR A 97 16.62 -0.83 -6.76
CA TYR A 97 16.09 -0.03 -5.67
C TYR A 97 16.72 1.36 -5.64
N ASP A 98 18.05 1.42 -5.73
CA ASP A 98 18.73 2.70 -5.71
C ASP A 98 18.31 3.54 -6.91
N GLY A 99 17.97 2.88 -8.01
CA GLY A 99 17.54 3.60 -9.20
C GLY A 99 16.14 4.17 -8.98
N LEU A 100 15.31 3.41 -8.27
CA LEU A 100 13.94 3.86 -7.97
C LEU A 100 14.04 5.04 -7.01
N PHE A 101 14.97 4.95 -6.05
CA PHE A 101 15.18 6.01 -5.07
C PHE A 101 15.69 7.27 -5.74
N LYS A 102 16.54 7.10 -6.75
CA LYS A 102 17.08 8.24 -7.49
C LYS A 102 15.92 9.03 -8.11
N THR A 103 14.98 8.30 -8.70
CA THR A 103 13.82 8.93 -9.32
C THR A 103 12.95 9.62 -8.27
N ALA A 104 12.73 8.94 -7.15
CA ALA A 104 11.91 9.50 -6.08
C ALA A 104 12.44 10.83 -5.54
N ARG A 105 13.76 10.93 -5.43
CA ARG A 105 14.35 12.16 -4.92
C ARG A 105 14.55 13.22 -5.99
N THR A 106 14.76 12.80 -7.23
CA THR A 106 14.94 13.75 -8.32
C THR A 106 13.58 14.40 -8.65
N PHE A 107 12.53 13.59 -8.61
CA PHE A 107 11.19 14.08 -8.87
C PHE A 107 10.55 14.49 -7.54
N LYS A 108 11.30 15.24 -6.74
CA LYS A 108 10.84 15.70 -5.44
C LYS A 108 9.61 16.59 -5.58
N SER A 109 8.87 16.73 -4.49
CA SER A 109 7.66 17.55 -4.50
C SER A 109 7.98 19.03 -4.63
N SER A 110 7.06 19.75 -5.26
CA SER A 110 7.21 21.19 -5.45
C SER A 110 6.86 21.94 -4.16
N GLN A 111 6.22 21.24 -3.22
CA GLN A 111 5.82 21.85 -1.96
C GLN A 111 6.90 21.45 -0.92
N ASN A 112 6.81 20.23 -0.40
CA ASN A 112 7.79 19.76 0.58
C ASN A 112 8.84 18.94 -0.19
N PRO A 113 10.08 19.46 -0.29
CA PRO A 113 11.17 18.80 -1.00
C PRO A 113 11.63 17.44 -0.46
N ASN A 114 11.16 17.09 0.73
CA ASN A 114 11.51 15.82 1.35
C ASN A 114 10.59 14.71 0.87
N LEU A 115 9.58 15.08 0.10
CA LEU A 115 8.61 14.12 -0.44
C LEU A 115 8.75 14.04 -1.96
N MET A 116 7.98 13.17 -2.59
CA MET A 116 8.03 12.99 -4.03
C MET A 116 6.79 13.57 -4.72
N GLY A 117 6.99 14.24 -5.86
CA GLY A 117 5.87 14.77 -6.61
C GLY A 117 5.14 13.52 -7.11
N TRP A 118 3.80 13.56 -7.16
CA TRP A 118 3.05 12.37 -7.56
C TRP A 118 3.14 11.87 -8.99
N VAL A 119 3.66 12.69 -9.91
CA VAL A 119 3.76 12.29 -11.31
C VAL A 119 5.19 12.14 -11.81
N VAL A 120 5.44 11.04 -12.52
CA VAL A 120 6.75 10.81 -13.11
C VAL A 120 6.52 11.07 -14.60
N ALA A 121 7.23 12.06 -15.14
CA ALA A 121 7.14 12.40 -16.55
C ALA A 121 8.57 12.61 -17.02
N ASP A 122 8.88 12.11 -18.22
CA ASP A 122 10.24 12.21 -18.74
C ASP A 122 10.61 13.60 -19.22
N SER A 123 10.89 14.48 -18.27
CA SER A 123 11.25 15.86 -18.59
C SER A 123 11.91 16.53 -17.40
N LYS A 124 13.00 17.26 -17.66
CA LYS A 124 13.69 17.97 -16.60
C LYS A 124 12.74 18.95 -15.91
N LYS A 125 11.84 19.53 -16.71
CA LYS A 125 10.87 20.49 -16.20
C LYS A 125 9.84 19.88 -15.26
N ALA A 126 9.62 18.57 -15.41
CA ALA A 126 8.66 17.87 -14.55
C ALA A 126 9.31 17.48 -13.24
N GLN A 127 10.64 17.53 -13.19
CA GLN A 127 11.36 17.16 -11.98
C GLN A 127 11.29 18.26 -10.92
N GLY A 128 10.43 18.07 -9.94
CA GLY A 128 10.24 19.04 -8.88
C GLY A 128 9.08 19.96 -9.20
N HIS A 129 8.25 19.52 -10.15
CA HIS A 129 7.11 20.30 -10.60
C HIS A 129 5.77 19.98 -9.94
N PHE A 130 5.59 18.73 -9.50
CA PHE A 130 4.33 18.31 -8.89
C PHE A 130 4.33 18.18 -7.38
N ASP A 131 3.15 18.34 -6.76
CA ASP A 131 3.04 18.20 -5.31
C ASP A 131 2.86 16.71 -4.97
N SER A 132 2.85 16.40 -3.69
CA SER A 132 2.76 15.00 -3.25
C SER A 132 1.40 14.37 -3.01
N ALA A 133 1.43 13.05 -2.87
CA ALA A 133 0.25 12.24 -2.57
C ALA A 133 0.73 11.41 -1.39
N THR A 134 0.04 11.55 -0.26
CA THR A 134 0.43 10.88 0.97
C THR A 134 0.76 9.37 0.89
N ASP A 135 -0.06 8.58 0.20
CA ASP A 135 0.23 7.15 0.15
C ASP A 135 1.52 6.81 -0.57
N GLY A 136 1.88 7.58 -1.60
CA GLY A 136 3.12 7.30 -2.31
C GLY A 136 4.30 7.43 -1.35
N ASP A 137 4.35 8.55 -0.64
CA ASP A 137 5.44 8.79 0.29
C ASP A 137 5.49 7.82 1.46
N LEU A 138 4.33 7.34 1.91
CA LEU A 138 4.29 6.39 3.00
C LEU A 138 4.97 5.07 2.59
N ASP A 139 4.67 4.59 1.39
CA ASP A 139 5.29 3.34 0.92
C ASP A 139 6.78 3.56 0.63
N ILE A 140 7.11 4.68 0.01
CA ILE A 140 8.50 4.97 -0.31
C ILE A 140 9.34 5.05 0.97
N ALA A 141 8.86 5.82 1.94
CA ALA A 141 9.56 5.96 3.22
C ALA A 141 9.70 4.62 3.92
N TYR A 142 8.62 3.84 3.93
CA TYR A 142 8.64 2.54 4.56
C TYR A 142 9.66 1.65 3.86
N SER A 143 9.70 1.71 2.53
CA SER A 143 10.64 0.89 1.77
C SER A 143 12.08 1.17 2.18
N LEU A 144 12.36 2.41 2.56
CA LEU A 144 13.71 2.79 2.99
C LEU A 144 14.09 2.09 4.29
N LEU A 145 13.09 1.82 5.13
CA LEU A 145 13.35 1.11 6.38
C LEU A 145 13.65 -0.36 6.07
N LEU A 146 12.97 -0.89 5.05
CA LEU A 146 13.20 -2.28 4.66
C LEU A 146 14.59 -2.36 4.06
N ALA A 147 14.93 -1.37 3.23
CA ALA A 147 16.25 -1.33 2.60
C ALA A 147 17.36 -1.30 3.65
N HIS A 148 17.14 -0.53 4.71
CA HIS A 148 18.11 -0.43 5.79
C HIS A 148 18.34 -1.80 6.43
N LYS A 149 17.26 -2.51 6.72
CA LYS A 149 17.37 -3.84 7.34
C LYS A 149 17.81 -4.90 6.36
N GLN A 150 17.72 -4.60 5.06
CA GLN A 150 18.10 -5.56 4.02
C GLN A 150 19.58 -5.49 3.67
N TRP A 151 20.10 -4.27 3.50
CA TRP A 151 21.50 -4.08 3.12
C TRP A 151 22.31 -3.22 4.08
N GLY A 152 21.66 -2.60 5.05
CA GLY A 152 22.39 -1.75 5.97
C GLY A 152 22.51 -0.38 5.33
N SER A 153 22.87 0.62 6.10
CA SER A 153 22.99 1.98 5.57
C SER A 153 24.42 2.50 5.51
N ASN A 154 25.39 1.60 5.30
CA ASN A 154 26.79 2.00 5.23
C ASN A 154 27.28 2.17 3.79
N GLY A 155 26.43 1.85 2.83
CA GLY A 155 26.81 1.97 1.43
C GLY A 155 26.61 3.32 0.80
N THR A 156 26.37 3.32 -0.51
CA THR A 156 26.17 4.53 -1.29
C THR A 156 25.07 5.43 -0.71
N VAL A 157 23.95 4.82 -0.32
CA VAL A 157 22.85 5.58 0.24
C VAL A 157 22.58 5.17 1.68
N ASN A 158 22.44 6.17 2.55
CA ASN A 158 22.17 5.94 3.96
C ASN A 158 20.67 5.74 4.12
N TYR A 159 20.20 4.53 3.80
CA TYR A 159 18.78 4.21 3.88
C TYR A 159 18.09 4.69 5.14
N LEU A 160 18.67 4.39 6.30
CA LEU A 160 18.05 4.78 7.55
C LEU A 160 17.90 6.30 7.68
N LYS A 161 18.96 7.04 7.37
CA LYS A 161 18.91 8.49 7.47
C LYS A 161 17.90 9.07 6.48
N GLU A 162 17.89 8.54 5.27
CA GLU A 162 16.95 9.01 4.25
C GLU A 162 15.52 8.75 4.73
N ALA A 163 15.30 7.58 5.32
CA ALA A 163 13.99 7.22 5.84
C ALA A 163 13.55 8.20 6.92
N GLN A 164 14.44 8.42 7.89
CA GLN A 164 14.15 9.32 8.99
C GLN A 164 13.84 10.74 8.51
N ASP A 165 14.58 11.23 7.52
CA ASP A 165 14.34 12.57 6.99
C ASP A 165 12.97 12.64 6.32
N MET A 166 12.68 11.64 5.50
CA MET A 166 11.41 11.57 4.77
C MET A 166 10.22 11.46 5.73
N ILE A 167 10.34 10.59 6.73
CA ILE A 167 9.28 10.37 7.71
C ILE A 167 8.98 11.62 8.53
N THR A 168 10.04 12.18 9.11
CA THR A 168 9.92 13.35 9.98
C THR A 168 9.83 14.70 9.26
N LYS A 169 10.80 14.98 8.39
CA LYS A 169 10.80 16.26 7.67
C LYS A 169 9.76 16.30 6.57
N GLY A 170 9.32 15.13 6.11
CA GLY A 170 8.35 15.08 5.05
C GLY A 170 6.93 14.78 5.48
N ILE A 171 6.65 13.51 5.72
CA ILE A 171 5.30 13.06 6.08
C ILE A 171 4.71 13.70 7.33
N LYS A 172 5.46 13.68 8.43
CA LYS A 172 4.95 14.28 9.67
C LYS A 172 4.72 15.78 9.48
N ALA A 173 5.74 16.47 8.94
CA ALA A 173 5.64 17.90 8.74
C ALA A 173 4.47 18.33 7.85
N SER A 174 4.29 17.67 6.71
CA SER A 174 3.23 18.03 5.78
C SER A 174 1.93 17.23 5.78
N ASN A 175 1.98 15.97 6.18
CA ASN A 175 0.76 15.16 6.13
C ASN A 175 0.06 14.81 7.43
N VAL A 176 0.79 14.80 8.55
CA VAL A 176 0.14 14.52 9.83
C VAL A 176 -0.54 15.82 10.25
N THR A 177 -1.85 15.77 10.44
CA THR A 177 -2.63 16.96 10.79
C THR A 177 -2.61 17.30 12.27
N ASN A 178 -3.17 18.46 12.59
CA ASN A 178 -3.23 18.92 13.96
C ASN A 178 -4.12 18.06 14.85
N ASN A 179 -5.09 17.36 14.27
CA ASN A 179 -5.95 16.48 15.06
C ASN A 179 -5.48 15.04 14.85
N ASN A 180 -4.24 14.91 14.40
CA ASN A 180 -3.62 13.61 14.18
C ASN A 180 -4.28 12.64 13.22
N GLN A 181 -4.62 13.12 12.03
CA GLN A 181 -5.17 12.27 10.99
C GLN A 181 -4.10 12.40 9.91
N LEU A 182 -4.37 11.86 8.72
CA LEU A 182 -3.42 11.99 7.61
C LEU A 182 -4.16 12.69 6.49
N ASN A 183 -3.61 13.80 6.01
CA ASN A 183 -4.27 14.51 4.93
C ASN A 183 -3.90 13.89 3.59
N LEU A 184 -4.42 14.45 2.52
CA LEU A 184 -4.23 13.91 1.18
C LEU A 184 -2.87 14.12 0.49
N GLY A 185 -2.11 15.10 0.93
CA GLY A 185 -0.83 15.36 0.30
C GLY A 185 -0.25 16.66 0.84
N ASP A 186 0.98 17.00 0.45
CA ASP A 186 1.59 18.21 0.98
C ASP A 186 0.94 19.50 0.51
N TRP A 187 0.01 19.39 -0.45
CA TRP A 187 -0.69 20.57 -0.94
C TRP A 187 -1.88 20.82 -0.01
N ASP A 188 -2.26 19.80 0.74
CA ASP A 188 -3.41 19.88 1.65
C ASP A 188 -3.06 20.61 2.94
N SER A 189 -4.10 21.05 3.65
CA SER A 189 -3.96 21.81 4.88
C SER A 189 -3.50 20.97 6.09
N LYS A 190 -2.79 21.63 7.01
CA LYS A 190 -2.29 20.99 8.21
C LYS A 190 -3.46 20.68 9.17
N SER A 191 -4.59 21.34 8.94
CA SER A 191 -5.78 21.11 9.76
C SER A 191 -6.87 20.40 8.95
N SER A 192 -6.53 19.99 7.73
CA SER A 192 -7.48 19.30 6.86
C SER A 192 -8.12 18.08 7.50
N LEU A 193 -9.41 17.91 7.26
CA LEU A 193 -10.12 16.75 7.77
C LEU A 193 -10.44 15.83 6.61
N ASP A 194 -9.89 16.14 5.43
CA ASP A 194 -10.10 15.29 4.26
C ASP A 194 -9.04 14.20 4.35
N THR A 195 -9.45 12.94 4.25
CA THR A 195 -8.50 11.84 4.36
C THR A 195 -8.90 10.68 3.45
N ARG A 196 -7.89 9.89 3.06
CA ARG A 196 -8.08 8.72 2.19
C ARG A 196 -7.67 7.51 3.03
N PRO A 197 -8.66 6.73 3.52
CA PRO A 197 -8.41 5.55 4.35
C PRO A 197 -7.33 4.58 3.85
N SER A 198 -7.18 4.44 2.54
CA SER A 198 -6.15 3.54 2.03
C SER A 198 -4.77 4.06 2.42
N ASP A 199 -4.73 5.28 2.96
CA ASP A 199 -3.47 5.89 3.42
C ASP A 199 -3.21 5.48 4.87
N TRP A 200 -4.19 4.86 5.52
CA TRP A 200 -4.02 4.46 6.91
C TRP A 200 -3.24 3.15 7.03
N MET A 201 -1.96 3.24 6.68
CA MET A 201 -1.06 2.10 6.71
C MET A 201 -0.53 1.90 8.12
N MET A 202 -1.41 1.40 8.98
CA MET A 202 -1.10 1.17 10.39
C MET A 202 0.24 0.49 10.65
N SER A 203 0.51 -0.62 9.96
CA SER A 203 1.77 -1.32 10.20
C SER A 203 2.97 -0.47 9.79
N HIS A 204 2.82 0.37 8.77
CA HIS A 204 3.91 1.25 8.35
C HIS A 204 4.20 2.23 9.48
N LEU A 205 3.14 2.81 10.03
CA LEU A 205 3.26 3.79 11.11
C LEU A 205 3.93 3.21 12.35
N ARG A 206 3.72 1.92 12.60
CA ARG A 206 4.35 1.26 13.75
C ARG A 206 5.86 1.33 13.56
N ALA A 207 6.30 0.97 12.35
CA ALA A 207 7.73 0.98 12.03
C ALA A 207 8.29 2.38 12.12
N PHE A 208 7.52 3.37 11.68
CA PHE A 208 7.96 4.76 11.76
C PHE A 208 8.27 5.08 13.22
N TYR A 209 7.36 4.69 14.10
CA TYR A 209 7.56 4.94 15.52
C TYR A 209 8.85 4.27 16.02
N GLU A 210 9.00 2.99 15.70
CA GLU A 210 10.16 2.22 16.13
C GLU A 210 11.50 2.73 15.60
N PHE A 211 11.51 3.34 14.42
CA PHE A 211 12.75 3.83 13.85
C PHE A 211 13.02 5.32 14.04
N THR A 212 12.12 6.03 14.70
CA THR A 212 12.31 7.46 14.95
C THR A 212 12.17 7.77 16.43
N GLY A 213 11.34 6.99 17.12
CA GLY A 213 11.11 7.22 18.53
C GLY A 213 10.10 8.35 18.72
N ASP A 214 9.45 8.75 17.63
CA ASP A 214 8.46 9.82 17.68
C ASP A 214 7.08 9.26 18.00
N LYS A 215 6.62 9.47 19.23
CA LYS A 215 5.31 8.97 19.65
C LYS A 215 4.16 9.51 18.82
N THR A 216 4.44 10.53 18.01
CA THR A 216 3.41 11.12 17.16
C THR A 216 2.72 10.02 16.33
N TRP A 217 3.51 9.08 15.82
CA TRP A 217 2.97 8.01 15.01
C TRP A 217 2.01 7.10 15.76
N LEU A 218 2.25 6.91 17.05
CA LEU A 218 1.37 6.07 17.85
C LEU A 218 0.02 6.77 18.06
N THR A 219 0.04 8.07 18.32
CA THR A 219 -1.21 8.78 18.53
C THR A 219 -1.99 8.86 17.23
N VAL A 220 -1.28 8.89 16.10
CA VAL A 220 -1.98 8.92 14.81
C VAL A 220 -2.66 7.57 14.61
N ILE A 221 -1.94 6.49 14.91
CA ILE A 221 -2.51 5.14 14.77
C ILE A 221 -3.79 5.00 15.61
N ASN A 222 -3.71 5.37 16.88
CA ASN A 222 -4.86 5.27 17.76
C ASN A 222 -6.02 6.13 17.29
N ASN A 223 -5.73 7.34 16.82
CA ASN A 223 -6.81 8.21 16.34
C ASN A 223 -7.48 7.61 15.11
N LEU A 224 -6.68 7.15 14.16
CA LEU A 224 -7.22 6.56 12.93
C LEU A 224 -8.13 5.36 13.23
N TYR A 225 -7.76 4.55 14.22
CA TYR A 225 -8.59 3.40 14.58
C TYR A 225 -9.91 3.93 15.14
N ASP A 226 -9.83 5.01 15.92
CA ASP A 226 -11.04 5.60 16.49
C ASP A 226 -11.92 6.10 15.36
N VAL A 227 -11.30 6.80 14.40
CA VAL A 227 -12.02 7.35 13.25
C VAL A 227 -12.68 6.23 12.45
N TYR A 228 -11.96 5.13 12.22
CA TYR A 228 -12.50 4.01 11.46
C TYR A 228 -13.79 3.50 12.11
N THR A 229 -13.70 3.21 13.40
CA THR A 229 -14.85 2.68 14.15
C THR A 229 -16.00 3.68 14.19
N GLN A 230 -15.70 4.94 14.48
CA GLN A 230 -16.75 5.95 14.55
C GLN A 230 -17.45 6.02 13.20
N PHE A 231 -16.66 5.95 12.13
CA PHE A 231 -17.20 5.99 10.78
C PHE A 231 -18.08 4.77 10.48
N SER A 232 -17.51 3.58 10.67
CA SER A 232 -18.21 2.34 10.38
C SER A 232 -19.47 2.07 11.16
N ASN A 233 -19.44 2.31 12.47
CA ASN A 233 -20.63 2.07 13.29
C ASN A 233 -21.82 2.86 12.78
N LYS A 234 -21.55 3.97 12.11
CA LYS A 234 -22.63 4.79 11.59
C LYS A 234 -22.95 4.56 10.12
N TYR A 235 -21.92 4.48 9.28
CA TYR A 235 -22.15 4.32 7.85
C TYR A 235 -21.98 2.92 7.26
N SER A 236 -21.33 2.01 7.98
CA SER A 236 -21.16 0.65 7.46
C SER A 236 -21.29 -0.38 8.58
N PRO A 237 -22.36 -0.28 9.38
CA PRO A 237 -22.60 -1.20 10.49
C PRO A 237 -22.73 -2.68 10.13
N ASN A 238 -23.09 -2.97 8.89
CA ASN A 238 -23.26 -4.37 8.49
C ASN A 238 -22.19 -4.91 7.54
N THR A 239 -21.24 -4.06 7.14
CA THR A 239 -20.19 -4.50 6.23
C THR A 239 -18.79 -4.23 6.77
N GLY A 240 -18.66 -3.16 7.55
CA GLY A 240 -17.36 -2.82 8.11
C GLY A 240 -16.47 -2.10 7.10
N LEU A 241 -17.02 -1.79 5.94
CA LEU A 241 -16.26 -1.11 4.89
C LEU A 241 -16.11 0.39 5.16
N ILE A 242 -15.26 1.04 4.39
CA ILE A 242 -15.04 2.47 4.53
C ILE A 242 -14.98 3.05 3.12
N SER A 243 -15.28 4.34 2.97
CA SER A 243 -15.28 4.95 1.65
C SER A 243 -13.91 5.39 1.13
N ASP A 244 -13.82 5.56 -0.19
CA ASP A 244 -12.57 5.97 -0.84
C ASP A 244 -11.99 7.19 -0.15
N PHE A 245 -12.86 8.14 0.19
CA PHE A 245 -12.44 9.34 0.88
C PHE A 245 -13.38 9.60 2.05
N VAL A 246 -12.84 10.19 3.11
CA VAL A 246 -13.60 10.49 4.32
C VAL A 246 -13.39 11.97 4.63
N VAL A 247 -14.43 12.64 5.11
CA VAL A 247 -14.32 14.06 5.43
C VAL A 247 -15.02 14.43 6.74
N LYS A 248 -14.67 15.60 7.26
CA LYS A 248 -15.26 16.15 8.49
C LYS A 248 -15.09 15.33 9.75
N ASN A 249 -15.74 15.80 10.81
CA ASN A 249 -15.75 15.16 12.11
C ASN A 249 -17.08 15.50 12.77
N PRO A 250 -17.85 14.48 13.17
CA PRO A 250 -17.55 13.05 13.03
C PRO A 250 -17.24 12.71 11.57
N PRO A 251 -16.41 11.68 11.35
CA PRO A 251 -16.07 11.31 9.97
C PRO A 251 -17.28 10.80 9.19
N GLN A 252 -17.37 11.19 7.92
CA GLN A 252 -18.47 10.75 7.07
C GLN A 252 -17.95 10.53 5.66
N PRO A 253 -18.72 9.83 4.82
CA PRO A 253 -18.22 9.61 3.46
C PRO A 253 -18.14 10.91 2.67
N ALA A 254 -17.09 11.04 1.86
CA ALA A 254 -16.91 12.23 1.05
C ALA A 254 -18.04 12.25 0.01
N PRO A 255 -18.29 13.41 -0.59
CA PRO A 255 -19.36 13.44 -1.59
C PRO A 255 -18.90 12.72 -2.85
N LYS A 256 -19.83 12.49 -3.78
CA LYS A 256 -19.50 11.84 -5.04
C LYS A 256 -18.63 12.82 -5.83
N ASP A 257 -17.82 12.29 -6.75
CA ASP A 257 -16.96 13.12 -7.58
C ASP A 257 -15.92 13.90 -6.77
N PHE A 258 -15.55 13.40 -5.60
CA PHE A 258 -14.55 14.07 -4.77
C PHE A 258 -13.25 14.16 -5.56
N LEU A 259 -12.69 15.35 -5.65
CA LEU A 259 -11.46 15.59 -6.39
C LEU A 259 -11.62 15.15 -7.85
N ASP A 260 -12.86 14.98 -8.27
CA ASP A 260 -13.15 14.56 -9.65
C ASP A 260 -12.60 13.18 -10.00
N GLU A 261 -12.36 12.34 -9.00
CA GLU A 261 -11.81 11.01 -9.27
C GLU A 261 -12.82 10.03 -9.84
N SER A 262 -14.02 10.03 -9.28
CA SER A 262 -15.07 9.14 -9.75
C SER A 262 -16.36 9.47 -9.03
N GLU A 263 -17.47 8.92 -9.51
CA GLU A 263 -18.76 9.16 -8.90
C GLU A 263 -18.97 8.31 -7.65
N TYR A 264 -18.03 7.40 -7.39
CA TYR A 264 -18.15 6.53 -6.23
C TYR A 264 -17.17 6.79 -5.10
N THR A 265 -16.71 8.03 -5.00
CA THR A 265 -15.77 8.41 -3.95
C THR A 265 -16.43 8.32 -2.56
N ASN A 266 -17.75 8.18 -2.55
CA ASN A 266 -18.50 8.09 -1.31
C ASN A 266 -18.68 6.64 -0.88
N ALA A 267 -18.21 5.71 -1.71
CA ALA A 267 -18.36 4.30 -1.42
C ALA A 267 -17.03 3.54 -1.35
N TYR A 268 -17.14 2.21 -1.23
CA TYR A 268 -15.97 1.35 -1.18
C TYR A 268 -15.60 1.09 -2.64
N TYR A 269 -14.73 1.95 -3.16
CA TYR A 269 -14.33 1.84 -4.57
C TYR A 269 -12.84 1.54 -4.75
N TYR A 270 -12.28 1.97 -5.87
CA TYR A 270 -10.90 1.67 -6.17
C TYR A 270 -9.84 2.13 -5.17
N ASN A 271 -10.05 3.27 -4.52
CA ASN A 271 -9.07 3.71 -3.53
C ASN A 271 -9.19 2.80 -2.30
N ALA A 272 -10.40 2.65 -1.80
CA ALA A 272 -10.68 1.86 -0.60
C ALA A 272 -10.39 0.36 -0.72
N SER A 273 -10.41 -0.17 -1.93
CA SER A 273 -10.14 -1.59 -2.15
C SER A 273 -8.85 -2.06 -1.49
N ARG A 274 -7.92 -1.13 -1.33
CA ARG A 274 -6.62 -1.44 -0.72
C ARG A 274 -6.64 -1.49 0.81
N VAL A 275 -7.66 -0.90 1.42
CA VAL A 275 -7.75 -0.84 2.88
C VAL A 275 -7.63 -2.14 3.67
N PRO A 276 -8.36 -3.20 3.30
CA PRO A 276 -8.27 -4.45 4.06
C PRO A 276 -6.85 -4.97 4.29
N LEU A 277 -5.98 -4.83 3.30
CA LEU A 277 -4.60 -5.29 3.45
C LEU A 277 -3.85 -4.38 4.41
N ARG A 278 -3.99 -3.07 4.21
CA ARG A 278 -3.31 -2.09 5.06
C ARG A 278 -3.62 -2.27 6.54
N ILE A 279 -4.88 -2.61 6.86
CA ILE A 279 -5.30 -2.79 8.24
C ILE A 279 -4.85 -4.13 8.82
N VAL A 280 -5.20 -5.22 8.14
CA VAL A 280 -4.87 -6.55 8.64
C VAL A 280 -3.38 -6.74 8.94
N MET A 281 -2.52 -6.08 8.19
CA MET A 281 -1.09 -6.21 8.42
C MET A 281 -0.67 -5.77 9.82
N ASP A 282 -1.45 -4.89 10.44
CA ASP A 282 -1.14 -4.40 11.77
C ASP A 282 -1.34 -5.51 12.81
N TYR A 283 -2.39 -6.31 12.64
CA TYR A 283 -2.64 -7.41 13.56
C TYR A 283 -1.57 -8.49 13.36
N ALA A 284 -1.33 -8.83 12.11
CA ALA A 284 -0.36 -9.85 11.76
C ALA A 284 1.04 -9.55 12.27
N MET A 285 1.53 -8.34 11.99
CA MET A 285 2.87 -7.94 12.38
C MET A 285 3.05 -7.39 13.79
N TYR A 286 2.01 -6.80 14.36
CA TYR A 286 2.12 -6.22 15.70
C TYR A 286 1.06 -6.66 16.69
N GLY A 287 0.21 -7.61 16.28
CA GLY A 287 -0.82 -8.13 17.16
C GLY A 287 -1.91 -7.17 17.62
N GLU A 288 -2.11 -6.07 16.91
CA GLU A 288 -3.14 -5.10 17.26
C GLU A 288 -4.54 -5.72 17.13
N LYS A 289 -5.21 -5.88 18.26
CA LYS A 289 -6.54 -6.48 18.29
C LYS A 289 -7.59 -5.68 17.51
N ARG A 290 -7.45 -4.35 17.48
CA ARG A 290 -8.40 -3.53 16.76
C ARG A 290 -8.36 -3.84 15.26
N SER A 291 -7.21 -4.31 14.78
CA SER A 291 -7.07 -4.67 13.38
C SER A 291 -7.83 -5.95 13.09
N LYS A 292 -7.71 -6.92 13.98
CA LYS A 292 -8.41 -8.19 13.80
C LYS A 292 -9.91 -7.98 13.76
N VAL A 293 -10.40 -7.09 14.62
CA VAL A 293 -11.83 -6.80 14.68
C VAL A 293 -12.32 -6.25 13.34
N ILE A 294 -11.65 -5.22 12.85
CA ILE A 294 -12.02 -4.62 11.56
C ILE A 294 -11.90 -5.62 10.42
N SER A 295 -10.85 -6.44 10.45
CA SER A 295 -10.64 -7.44 9.40
C SER A 295 -11.70 -8.54 9.38
N ASP A 296 -12.00 -9.10 10.54
CA ASP A 296 -13.00 -10.17 10.61
C ASP A 296 -14.38 -9.73 10.17
N LYS A 297 -14.75 -8.49 10.48
CA LYS A 297 -16.05 -7.99 10.09
C LYS A 297 -16.16 -7.92 8.57
N VAL A 298 -15.13 -7.35 7.93
CA VAL A 298 -15.14 -7.24 6.47
C VAL A 298 -15.05 -8.63 5.84
N SER A 299 -14.14 -9.46 6.38
CA SER A 299 -13.96 -10.81 5.87
C SER A 299 -15.25 -11.62 5.91
N SER A 300 -15.92 -11.64 7.06
CA SER A 300 -17.14 -12.40 7.18
C SER A 300 -18.23 -11.88 6.25
N TRP A 301 -18.33 -10.56 6.12
CA TRP A 301 -19.32 -9.98 5.24
C TRP A 301 -19.10 -10.40 3.79
N ILE A 302 -17.89 -10.21 3.27
CA ILE A 302 -17.62 -10.57 1.88
C ILE A 302 -17.79 -12.08 1.62
N GLN A 303 -17.42 -12.90 2.60
CA GLN A 303 -17.57 -14.35 2.42
C GLN A 303 -19.05 -14.72 2.26
N ASN A 304 -19.90 -14.14 3.12
CA ASN A 304 -21.33 -14.42 3.06
C ASN A 304 -21.94 -13.81 1.80
N LYS A 305 -21.46 -12.64 1.42
CA LYS A 305 -21.94 -11.93 0.24
C LYS A 305 -21.73 -12.75 -1.04
N THR A 306 -20.61 -13.46 -1.13
CA THR A 306 -20.28 -14.25 -2.32
C THR A 306 -20.49 -15.74 -2.11
N ASN A 307 -21.03 -16.12 -0.94
CA ASN A 307 -21.25 -17.51 -0.62
C ASN A 307 -19.96 -18.30 -0.74
N GLY A 308 -18.86 -17.71 -0.28
CA GLY A 308 -17.57 -18.38 -0.32
C GLY A 308 -16.86 -18.50 -1.66
N ASN A 309 -17.33 -17.76 -2.67
CA ASN A 309 -16.70 -17.83 -3.99
C ASN A 309 -16.02 -16.50 -4.34
N PRO A 310 -14.69 -16.43 -4.18
CA PRO A 310 -13.94 -15.21 -4.49
C PRO A 310 -14.14 -14.64 -5.89
N SER A 311 -14.45 -15.49 -6.86
CA SER A 311 -14.65 -15.02 -8.22
C SER A 311 -15.92 -14.20 -8.33
N LYS A 312 -16.74 -14.22 -7.28
CA LYS A 312 -17.99 -13.47 -7.25
C LYS A 312 -17.83 -12.05 -6.70
N ILE A 313 -16.63 -11.73 -6.23
CA ILE A 313 -16.34 -10.40 -5.71
C ILE A 313 -16.35 -9.43 -6.90
N VAL A 314 -16.97 -8.26 -6.73
CA VAL A 314 -17.00 -7.29 -7.81
C VAL A 314 -16.12 -6.08 -7.48
N ASP A 315 -15.86 -5.23 -8.47
CA ASP A 315 -15.00 -4.07 -8.27
C ASP A 315 -15.76 -2.83 -7.80
N GLY A 316 -16.24 -2.87 -6.56
CA GLY A 316 -16.95 -1.73 -6.02
C GLY A 316 -18.23 -2.09 -5.28
N TYR A 317 -18.40 -1.53 -4.08
CA TYR A 317 -19.59 -1.78 -3.27
C TYR A 317 -20.05 -0.52 -2.56
N GLN A 318 -21.36 -0.42 -2.35
CA GLN A 318 -21.93 0.70 -1.61
C GLN A 318 -21.61 0.29 -0.18
N LEU A 319 -21.59 1.25 0.74
CA LEU A 319 -21.28 0.94 2.14
C LEU A 319 -22.25 -0.05 2.77
N ASN A 320 -23.47 -0.14 2.24
CA ASN A 320 -24.45 -1.09 2.78
C ASN A 320 -24.27 -2.46 2.16
N GLY A 321 -23.24 -2.61 1.32
CA GLY A 321 -22.99 -3.90 0.71
C GLY A 321 -23.53 -4.14 -0.68
N SER A 322 -24.29 -3.20 -1.22
CA SER A 322 -24.83 -3.37 -2.57
C SER A 322 -23.75 -3.22 -3.64
N ASN A 323 -23.83 -4.09 -4.64
CA ASN A 323 -22.88 -4.11 -5.74
C ASN A 323 -22.81 -2.85 -6.59
N ILE A 324 -21.59 -2.45 -6.94
CA ILE A 324 -21.36 -1.31 -7.81
C ILE A 324 -20.61 -1.86 -9.01
N GLY A 325 -19.56 -2.63 -8.71
CA GLY A 325 -18.71 -3.23 -9.74
C GLY A 325 -19.37 -4.39 -10.47
N SER A 326 -18.67 -4.94 -11.45
CA SER A 326 -19.21 -6.04 -12.24
C SER A 326 -18.29 -7.24 -12.43
N TYR A 327 -17.01 -7.11 -12.09
CA TYR A 327 -16.09 -8.23 -12.27
C TYR A 327 -15.02 -8.31 -11.20
N PRO A 328 -14.35 -9.47 -11.09
CA PRO A 328 -13.30 -9.67 -10.10
C PRO A 328 -11.92 -9.22 -10.57
N THR A 329 -11.33 -8.28 -9.84
CA THR A 329 -10.00 -7.77 -10.16
C THR A 329 -9.19 -7.87 -8.86
N ALA A 330 -7.91 -8.19 -8.98
CA ALA A 330 -7.04 -8.38 -7.83
C ALA A 330 -6.97 -7.29 -6.76
N VAL A 331 -7.03 -6.02 -7.14
CA VAL A 331 -6.93 -4.97 -6.13
C VAL A 331 -8.09 -5.06 -5.15
N PHE A 332 -9.21 -5.63 -5.58
CA PHE A 332 -10.36 -5.81 -4.71
C PHE A 332 -10.32 -7.18 -4.05
N VAL A 333 -10.20 -8.23 -4.86
CA VAL A 333 -10.16 -9.61 -4.36
C VAL A 333 -9.06 -9.94 -3.37
N SER A 334 -7.81 -9.74 -3.75
CA SER A 334 -6.70 -10.09 -2.88
C SER A 334 -6.74 -9.50 -1.47
N PRO A 335 -7.03 -8.20 -1.33
CA PRO A 335 -7.07 -7.64 0.03
C PRO A 335 -8.16 -8.30 0.89
N PHE A 336 -9.27 -8.67 0.26
CA PHE A 336 -10.35 -9.34 0.96
C PHE A 336 -9.86 -10.68 1.49
N ILE A 337 -8.98 -11.33 0.73
CA ILE A 337 -8.43 -12.61 1.13
C ILE A 337 -7.47 -12.39 2.29
N ALA A 338 -6.59 -11.39 2.17
CA ALA A 338 -5.64 -11.08 3.22
C ALA A 338 -6.36 -10.75 4.53
N ALA A 339 -7.46 -10.02 4.44
CA ALA A 339 -8.22 -9.63 5.64
C ALA A 339 -8.85 -10.84 6.32
N SER A 340 -8.79 -11.99 5.67
CA SER A 340 -9.39 -13.21 6.20
C SER A 340 -8.42 -14.14 6.94
N ILE A 341 -7.15 -13.79 6.96
CA ILE A 341 -6.13 -14.66 7.58
C ILE A 341 -6.05 -14.70 9.10
N THR A 342 -6.80 -13.85 9.81
CA THR A 342 -6.72 -13.85 11.27
C THR A 342 -7.63 -14.86 11.97
N SER A 343 -8.46 -15.56 11.19
CA SER A 343 -9.36 -16.57 11.75
C SER A 343 -9.12 -17.91 11.07
N SER A 344 -8.77 -18.93 11.86
CA SER A 344 -8.50 -20.26 11.32
C SER A 344 -9.69 -20.89 10.62
N ASN A 345 -10.90 -20.41 10.90
CA ASN A 345 -12.09 -20.97 10.27
C ASN A 345 -12.31 -20.45 8.85
N ASN A 346 -11.37 -19.65 8.35
CA ASN A 346 -11.46 -19.10 7.00
C ASN A 346 -10.47 -19.81 6.08
N GLN A 347 -9.91 -20.93 6.54
CA GLN A 347 -8.93 -21.66 5.76
C GLN A 347 -9.33 -21.98 4.32
N LYS A 348 -10.54 -22.49 4.13
CA LYS A 348 -10.99 -22.83 2.79
C LYS A 348 -11.09 -21.59 1.90
N TRP A 349 -11.64 -20.52 2.47
CA TRP A 349 -11.78 -19.26 1.76
C TRP A 349 -10.40 -18.73 1.37
N VAL A 350 -9.44 -18.84 2.29
CA VAL A 350 -8.08 -18.39 2.02
C VAL A 350 -7.46 -19.24 0.91
N ASN A 351 -7.76 -20.54 0.91
CA ASN A 351 -7.23 -21.43 -0.11
C ASN A 351 -7.81 -21.11 -1.49
N SER A 352 -9.12 -20.86 -1.54
CA SER A 352 -9.77 -20.52 -2.80
C SER A 352 -9.27 -19.18 -3.32
N GLY A 353 -9.09 -18.22 -2.40
CA GLY A 353 -8.60 -16.91 -2.80
C GLY A 353 -7.19 -16.98 -3.34
N TRP A 354 -6.34 -17.77 -2.69
CA TRP A 354 -4.97 -17.91 -3.14
C TRP A 354 -4.94 -18.48 -4.55
N ASP A 355 -5.77 -19.49 -4.80
CA ASP A 355 -5.80 -20.11 -6.13
C ASP A 355 -6.24 -19.10 -7.18
N TRP A 356 -7.15 -18.21 -6.79
CA TRP A 356 -7.64 -17.20 -7.72
C TRP A 356 -6.58 -16.15 -8.06
N MET A 357 -5.85 -15.70 -7.05
CA MET A 357 -4.85 -14.63 -7.25
C MET A 357 -3.43 -14.98 -7.69
N LYS A 358 -2.93 -16.13 -7.26
CA LYS A 358 -1.55 -16.52 -7.53
C LYS A 358 -1.01 -16.31 -8.94
N ASN A 359 -1.87 -16.45 -9.96
CA ASN A 359 -1.43 -16.25 -11.35
C ASN A 359 -2.28 -15.22 -12.07
N LYS A 360 -3.02 -14.42 -11.32
CA LYS A 360 -3.90 -13.42 -11.92
C LYS A 360 -3.14 -12.18 -12.40
N ARG A 361 -3.08 -12.02 -13.72
CA ARG A 361 -2.39 -10.89 -14.33
C ARG A 361 -3.40 -10.09 -15.16
N GLU A 362 -3.38 -8.77 -15.01
CA GLU A 362 -4.32 -7.92 -15.74
C GLU A 362 -3.72 -6.57 -16.11
N ARG A 363 -3.44 -5.74 -15.11
CA ARG A 363 -2.87 -4.43 -15.36
C ARG A 363 -2.03 -3.92 -14.20
N TYR A 364 -1.44 -2.74 -14.39
CA TYR A 364 -0.59 -2.13 -13.39
C TYR A 364 -1.14 -2.10 -11.96
N PHE A 365 -2.32 -1.49 -11.80
CA PHE A 365 -2.91 -1.35 -10.46
C PHE A 365 -3.19 -2.65 -9.74
N SER A 366 -3.98 -3.53 -10.35
CA SER A 366 -4.27 -4.80 -9.69
C SER A 366 -3.04 -5.68 -9.54
N ASP A 367 -2.23 -5.78 -10.58
CA ASP A 367 -1.02 -6.60 -10.52
C ASP A 367 -0.08 -6.19 -9.41
N SER A 368 0.21 -4.91 -9.32
CA SER A 368 1.13 -4.40 -8.31
C SER A 368 0.61 -4.64 -6.90
N TYR A 369 -0.66 -4.34 -6.66
CA TYR A 369 -1.20 -4.55 -5.32
C TYR A 369 -1.34 -6.04 -5.04
N ASN A 370 -1.61 -6.83 -6.08
CA ASN A 370 -1.75 -8.26 -5.89
C ASN A 370 -0.42 -8.84 -5.44
N LEU A 371 0.67 -8.40 -6.05
CA LEU A 371 2.00 -8.89 -5.68
C LEU A 371 2.33 -8.54 -4.24
N LEU A 372 1.96 -7.33 -3.82
CA LEU A 372 2.21 -6.92 -2.43
C LEU A 372 1.40 -7.81 -1.50
N THR A 373 0.16 -8.09 -1.87
CA THR A 373 -0.69 -8.95 -1.04
C THR A 373 -0.12 -10.35 -0.97
N MET A 374 0.27 -10.89 -2.11
CA MET A 374 0.85 -12.24 -2.18
C MET A 374 2.11 -12.33 -1.33
N LEU A 375 2.95 -11.31 -1.41
CA LEU A 375 4.17 -11.28 -0.62
C LEU A 375 3.82 -11.36 0.85
N PHE A 376 2.81 -10.61 1.27
CA PHE A 376 2.42 -10.62 2.66
C PHE A 376 1.77 -11.92 3.16
N ILE A 377 0.79 -12.44 2.43
CA ILE A 377 0.12 -13.66 2.88
C ILE A 377 0.94 -14.93 2.82
N THR A 378 2.09 -14.88 2.15
CA THR A 378 2.96 -16.05 2.07
C THR A 378 4.06 -15.94 3.14
N GLY A 379 4.01 -14.85 3.89
CA GLY A 379 4.99 -14.63 4.94
C GLY A 379 6.30 -14.07 4.42
N ASN A 380 6.31 -13.65 3.16
CA ASN A 380 7.54 -13.11 2.60
C ASN A 380 7.73 -11.61 2.75
N TRP A 381 6.80 -10.96 3.43
CA TRP A 381 6.92 -9.54 3.72
C TRP A 381 7.22 -9.54 5.21
N TRP A 382 8.50 -9.52 5.55
CA TRP A 382 8.97 -9.51 6.93
C TRP A 382 8.90 -8.10 7.46
N LYS A 383 8.95 -7.94 8.79
CA LYS A 383 8.88 -6.60 9.32
C LYS A 383 10.22 -6.04 9.78
N PRO A 384 10.50 -4.78 9.41
CA PRO A 384 11.74 -4.11 9.80
C PRO A 384 11.69 -3.74 11.27
N VAL A 385 12.68 -4.18 12.03
CA VAL A 385 12.75 -3.90 13.45
C VAL A 385 14.16 -3.40 13.77
N PRO A 386 14.24 -2.31 14.56
CA PRO A 386 15.55 -1.75 14.93
C PRO A 386 16.37 -2.69 15.81
S SO4 B . 19.27 -0.55 13.58
O1 SO4 B . 18.83 0.84 13.34
O2 SO4 B . 19.44 -0.78 15.02
O3 SO4 B . 18.24 -1.47 13.06
O4 SO4 B . 20.54 -0.79 12.88
#